data_3EKA
#
_entry.id   3EKA
#
_cell.length_a   58.502
_cell.length_b   58.502
_cell.length_c   583.540
_cell.angle_alpha   90.00
_cell.angle_beta   90.00
_cell.angle_gamma   120.00
#
_symmetry.space_group_name_H-M   'H 3 2'
#
loop_
_entity.id
_entity.type
_entity.pdbx_description
1 polymer 'Hyaluronidase, phage associated'
2 non-polymer 'ASCORBIC ACID'
3 water water
#
_entity_poly.entity_id   1
_entity_poly.type   'polypeptide(L)'
_entity_poly.pdbx_seq_one_letter_code
;LRVQFKRMKAAEWARSDVILLESEIGFETDTGFARAGDGHNRFSDLGYISPLDYNLLTNKPNIDGLATKVETAQKLQQKA
DKETVYTKAESKQELDKKLNLKGGVMTGQLKFKPAATVAYSSSTGGAVNIDLSSTRGAGVVVYSDNDTSDGPLMSLRTGK
ETFNQSALFVDYKGTTNAVNIAMRQPTTPNFSSALNITSGNENGSAMQLRGSEKALGTLKITHENPSIGADYDKNAAALS
IDIVKKTNGAGTAAQGIYINSTSGTTGKLLRIRNLSDDKFYVKSDGGFYAKETSQIDGNLKLKDPTANDHAATKAYVDKA
ISELKKLILKKH
;
_entity_poly.pdbx_strand_id   A
#
loop_
_chem_comp.id
_chem_comp.type
_chem_comp.name
_chem_comp.formula
ASC L-saccharide 'ASCORBIC ACID' 'C6 H8 O6'
#
# COMPACT_ATOMS: atom_id res chain seq x y z
N LEU A 1 -86.22 29.06 71.49
CA LEU A 1 -85.11 29.59 72.34
C LEU A 1 -83.89 29.83 71.44
N ARG A 2 -83.44 31.08 71.35
CA ARG A 2 -82.22 31.39 70.58
C ARG A 2 -81.04 31.13 71.52
N VAL A 3 -80.31 30.06 71.29
CA VAL A 3 -79.30 29.75 72.25
C VAL A 3 -77.96 30.34 71.76
N GLN A 4 -77.28 31.06 72.65
CA GLN A 4 -75.91 31.52 72.37
C GLN A 4 -74.94 30.89 73.35
N PHE A 5 -73.72 30.65 72.88
CA PHE A 5 -72.76 29.85 73.66
C PHE A 5 -71.66 30.72 74.26
N LYS A 6 -71.09 30.27 75.38
CA LYS A 6 -69.88 30.93 75.91
C LYS A 6 -69.02 31.32 74.71
N ARG A 7 -68.44 32.51 74.78
CA ARG A 7 -67.64 33.00 73.64
C ARG A 7 -66.67 34.11 74.01
N MET A 8 -65.52 34.11 73.33
CA MET A 8 -64.45 35.09 73.44
C MET A 8 -63.50 34.83 72.26
N LYS A 9 -62.62 35.77 71.96
CA LYS A 9 -61.67 35.55 70.86
C LYS A 9 -60.82 34.33 71.13
N ALA A 10 -60.39 33.72 70.05
CA ALA A 10 -59.54 32.55 70.15
C ALA A 10 -58.42 32.80 71.15
N ALA A 11 -57.60 33.83 70.93
CA ALA A 11 -56.48 34.19 71.85
C ALA A 11 -56.95 34.34 73.28
N GLU A 12 -58.21 34.68 73.46
CA GLU A 12 -58.70 34.97 74.78
C GLU A 12 -59.06 33.65 75.42
N TRP A 13 -59.70 32.81 74.59
CA TRP A 13 -59.98 31.42 74.92
C TRP A 13 -58.67 30.78 75.26
N ALA A 14 -57.72 30.90 74.32
CA ALA A 14 -56.40 30.28 74.40
C ALA A 14 -55.72 30.43 75.78
N ARG A 15 -56.32 31.30 76.62
CA ARG A 15 -55.77 31.52 77.93
C ARG A 15 -56.84 31.60 79.03
N SER A 16 -58.01 30.95 78.82
CA SER A 16 -59.10 30.90 79.84
C SER A 16 -58.97 29.75 80.81
N ASP A 17 -59.23 30.07 82.08
CA ASP A 17 -59.26 29.06 83.13
C ASP A 17 -60.53 28.27 82.94
N VAL A 18 -61.30 28.62 81.89
CA VAL A 18 -62.66 28.11 81.78
C VAL A 18 -62.76 26.74 81.18
N ILE A 19 -63.16 25.84 82.06
CA ILE A 19 -63.38 24.46 81.74
C ILE A 19 -64.80 24.28 81.18
N LEU A 20 -64.89 23.94 79.91
CA LEU A 20 -66.22 23.65 79.42
C LEU A 20 -66.75 22.31 79.93
N LEU A 21 -67.98 22.33 80.48
CA LEU A 21 -68.68 21.10 80.84
C LEU A 21 -68.64 20.12 79.66
N GLU A 22 -68.84 18.83 79.91
CA GLU A 22 -68.79 17.86 78.81
C GLU A 22 -69.94 18.15 77.88
N SER A 23 -69.62 18.07 76.59
CA SER A 23 -70.54 18.42 75.51
C SER A 23 -71.19 19.80 75.71
N GLU A 24 -70.45 20.79 76.23
CA GLU A 24 -70.98 22.15 76.21
C GLU A 24 -70.16 22.91 75.18
N ILE A 25 -70.90 23.64 74.34
CA ILE A 25 -70.25 24.36 73.26
C ILE A 25 -69.79 25.74 73.66
N GLY A 26 -68.59 26.02 73.18
CA GLY A 26 -67.95 27.28 73.30
C GLY A 26 -67.53 27.72 71.93
N PHE A 27 -67.41 29.03 71.78
CA PHE A 27 -67.31 29.65 70.47
C PHE A 27 -66.21 30.69 70.27
N GLU A 28 -65.38 30.48 69.26
CA GLU A 28 -64.29 31.38 68.93
C GLU A 28 -64.73 32.50 68.02
N THR A 29 -65.24 33.55 68.65
CA THR A 29 -65.80 34.73 67.98
C THR A 29 -65.02 35.33 66.79
N ASP A 30 -63.70 35.40 66.84
CA ASP A 30 -62.98 35.98 65.72
C ASP A 30 -62.75 34.97 64.59
N THR A 31 -63.10 33.70 64.79
CA THR A 31 -62.86 32.65 63.76
C THR A 31 -64.15 31.95 63.43
N GLY A 32 -65.13 32.10 64.28
CA GLY A 32 -66.33 31.35 64.04
C GLY A 32 -66.28 29.87 64.34
N PHE A 33 -65.16 29.37 64.89
CA PHE A 33 -65.04 27.94 65.24
C PHE A 33 -65.66 27.54 66.57
N ALA A 34 -65.98 26.27 66.76
CA ALA A 34 -66.47 25.88 68.07
C ALA A 34 -65.78 24.63 68.55
N ARG A 35 -66.05 24.28 69.82
CA ARG A 35 -65.41 23.18 70.47
C ARG A 35 -66.31 22.73 71.56
N ALA A 36 -66.26 21.44 71.88
CA ALA A 36 -67.10 20.89 72.94
C ALA A 36 -66.20 20.57 74.11
N GLY A 37 -66.63 20.98 75.29
CA GLY A 37 -65.88 20.73 76.51
C GLY A 37 -65.94 19.26 76.81
N ASP A 38 -64.84 18.69 77.32
CA ASP A 38 -64.83 17.30 77.81
C ASP A 38 -65.05 17.21 79.33
N GLY A 39 -65.49 18.33 79.94
CA GLY A 39 -65.75 18.44 81.37
C GLY A 39 -64.44 18.66 82.16
N HIS A 40 -63.29 18.71 81.47
CA HIS A 40 -62.07 18.62 82.21
C HIS A 40 -60.79 19.09 81.55
N ASN A 41 -60.86 19.81 80.43
CA ASN A 41 -59.67 20.13 79.65
C ASN A 41 -59.67 21.61 79.20
N ARG A 42 -58.63 22.36 79.48
CA ARG A 42 -58.64 23.76 79.01
C ARG A 42 -58.99 23.89 77.50
N PHE A 43 -59.68 24.99 77.14
CA PHE A 43 -60.27 25.13 75.82
C PHE A 43 -59.31 24.90 74.69
N SER A 44 -58.10 25.34 74.85
CA SER A 44 -57.12 25.22 73.79
C SER A 44 -56.63 23.82 73.53
N ASP A 45 -57.21 22.84 74.24
CA ASP A 45 -56.80 21.39 74.11
C ASP A 45 -57.93 20.51 73.53
N LEU A 46 -59.17 20.97 73.70
CA LEU A 46 -60.33 20.38 73.00
C LEU A 46 -59.96 20.49 71.57
N GLY A 47 -60.40 19.53 70.75
CA GLY A 47 -60.27 19.62 69.31
C GLY A 47 -61.53 20.24 68.75
N TYR A 48 -61.69 20.16 67.45
CA TYR A 48 -62.90 20.72 66.84
C TYR A 48 -64.17 19.87 66.95
N ILE A 49 -65.30 20.53 66.64
CA ILE A 49 -66.65 19.97 66.73
C ILE A 49 -66.85 19.08 65.49
N SER A 50 -65.87 19.14 64.57
CA SER A 50 -65.88 18.28 63.41
C SER A 50 -64.46 17.93 62.90
N PRO A 51 -64.25 16.70 62.41
CA PRO A 51 -63.02 16.13 61.90
C PRO A 51 -62.18 17.00 61.00
N LEU A 52 -60.89 16.68 60.97
CA LEU A 52 -59.98 17.32 60.05
C LEU A 52 -58.95 16.26 59.81
N ASP A 53 -59.44 15.14 59.33
CA ASP A 53 -58.59 14.02 59.06
C ASP A 53 -58.67 13.81 57.57
N TYR A 54 -57.53 14.01 56.90
CA TYR A 54 -57.48 13.93 55.47
C TYR A 54 -58.22 12.72 54.96
N ASN A 55 -58.19 11.62 55.71
CA ASN A 55 -58.78 10.33 55.24
C ASN A 55 -60.28 10.36 54.99
N LEU A 56 -60.95 11.16 55.80
CA LEU A 56 -62.38 11.25 55.83
C LEU A 56 -62.92 12.27 54.82
N LEU A 57 -62.01 12.94 54.10
CA LEU A 57 -62.39 13.95 53.10
C LEU A 57 -63.09 13.42 51.83
N THR A 58 -64.23 14.00 51.48
CA THR A 58 -64.72 13.71 50.16
C THR A 58 -63.85 14.49 49.19
N ASN A 59 -64.03 14.16 47.90
CA ASN A 59 -63.26 14.64 46.76
C ASN A 59 -61.79 14.50 46.91
N LYS A 60 -61.34 13.43 47.56
CA LYS A 60 -59.91 13.21 47.71
C LYS A 60 -59.27 13.33 46.33
N PRO A 61 -58.10 13.96 46.28
CA PRO A 61 -57.27 13.91 45.08
C PRO A 61 -56.53 12.58 45.03
N ASN A 62 -56.33 12.05 43.83
CA ASN A 62 -55.46 10.91 43.75
C ASN A 62 -54.05 11.40 43.91
N ILE A 63 -53.56 11.17 45.13
CA ILE A 63 -52.21 11.47 45.53
C ILE A 63 -51.40 10.24 45.19
N ASP A 64 -52.08 9.10 45.18
CA ASP A 64 -51.42 7.84 44.96
C ASP A 64 -50.75 7.69 43.60
N GLY A 65 -51.41 8.22 42.57
CA GLY A 65 -50.95 8.18 41.17
C GLY A 65 -49.86 9.20 40.79
N LEU A 66 -49.57 10.12 41.70
CA LEU A 66 -48.53 11.13 41.51
C LEU A 66 -47.14 10.53 41.69
N ALA A 67 -46.21 11.01 40.87
CA ALA A 67 -44.83 10.58 40.87
C ALA A 67 -44.20 11.24 42.04
N THR A 68 -43.18 10.59 42.61
CA THR A 68 -42.46 11.12 43.78
C THR A 68 -41.02 11.44 43.39
N LYS A 69 -40.43 12.46 44.01
CA LYS A 69 -39.08 12.90 43.62
C LYS A 69 -38.15 11.68 43.48
N VAL A 70 -38.12 10.83 44.51
CA VAL A 70 -37.25 9.67 44.54
C VAL A 70 -37.56 8.77 43.36
N GLU A 71 -38.80 8.29 43.28
CA GLU A 71 -39.18 7.44 42.20
C GLU A 71 -38.66 8.09 40.89
N THR A 72 -39.01 9.36 40.66
CA THR A 72 -38.66 10.05 39.45
C THR A 72 -37.15 10.23 39.34
N ALA A 73 -36.44 10.33 40.47
CA ALA A 73 -34.98 10.44 40.41
C ALA A 73 -34.25 9.17 39.95
N GLN A 74 -34.80 8.00 40.28
CA GLN A 74 -34.14 6.74 39.95
C GLN A 74 -34.46 6.44 38.56
N LYS A 75 -35.71 6.70 38.20
CA LYS A 75 -36.12 6.40 36.86
C LYS A 75 -35.34 7.29 35.92
N LEU A 76 -35.03 8.53 36.32
CA LEU A 76 -34.16 9.39 35.53
C LEU A 76 -32.71 8.89 35.45
N GLN A 77 -32.19 8.37 36.57
CA GLN A 77 -30.79 7.91 36.67
C GLN A 77 -30.38 6.81 35.69
N GLN A 78 -31.36 6.07 35.17
CA GLN A 78 -31.12 5.02 34.19
C GLN A 78 -30.97 5.61 32.82
N LYS A 79 -31.48 6.83 32.65
CA LYS A 79 -31.47 7.44 31.32
C LYS A 79 -30.25 8.35 31.09
N ALA A 80 -29.65 8.22 29.93
CA ALA A 80 -28.46 9.01 29.58
C ALA A 80 -28.61 10.54 29.33
N ASP A 81 -27.61 11.29 29.78
CA ASP A 81 -27.62 12.76 29.69
C ASP A 81 -27.24 13.23 28.30
N LYS A 82 -27.92 14.28 27.85
CA LYS A 82 -27.66 14.86 26.56
C LYS A 82 -26.17 14.86 26.14
N GLU A 83 -25.24 15.47 26.89
CA GLU A 83 -23.86 15.50 26.29
C GLU A 83 -23.01 14.24 26.47
N THR A 84 -23.02 13.59 27.66
CA THR A 84 -22.43 12.25 27.78
C THR A 84 -22.53 11.41 26.52
N VAL A 85 -23.36 11.87 25.60
CA VAL A 85 -23.72 11.07 24.45
C VAL A 85 -23.91 11.84 23.13
N TYR A 86 -23.55 11.18 22.05
CA TYR A 86 -23.55 11.75 20.71
C TYR A 86 -24.84 11.61 19.93
N THR A 87 -25.39 12.72 19.41
CA THR A 87 -26.59 12.67 18.54
C THR A 87 -26.35 11.77 17.34
N LYS A 88 -27.40 11.10 16.87
CA LYS A 88 -27.26 10.19 15.75
C LYS A 88 -26.41 10.91 14.73
N ALA A 89 -26.48 12.24 14.76
CA ALA A 89 -25.86 13.10 13.75
C ALA A 89 -24.37 13.23 13.90
N GLU A 90 -23.95 13.67 15.07
CA GLU A 90 -22.53 13.71 15.37
C GLU A 90 -21.91 12.31 15.17
N SER A 91 -22.67 11.26 15.46
CA SER A 91 -22.22 9.92 15.17
C SER A 91 -21.88 9.78 13.67
N LYS A 92 -22.83 10.01 12.77
CA LYS A 92 -22.48 10.06 11.33
C LYS A 92 -21.32 11.00 11.04
N GLN A 93 -21.52 12.25 11.45
CA GLN A 93 -20.51 13.30 11.44
C GLN A 93 -19.08 12.79 11.60
N GLU A 94 -18.91 11.92 12.58
CA GLU A 94 -17.64 11.33 12.78
C GLU A 94 -17.52 10.13 11.85
N LEU A 95 -18.50 9.25 11.86
CA LEU A 95 -18.40 8.01 11.06
C LEU A 95 -17.99 8.12 9.59
N ASP A 96 -18.47 9.18 8.95
CA ASP A 96 -18.25 9.45 7.53
C ASP A 96 -16.83 9.85 7.23
N LYS A 97 -16.01 10.01 8.26
CA LYS A 97 -14.60 10.38 8.07
C LYS A 97 -13.73 9.14 8.11
N LYS A 98 -14.37 8.05 8.48
CA LYS A 98 -13.66 6.80 8.53
C LYS A 98 -13.90 5.91 7.31
N LEU A 99 -12.80 5.54 6.65
CA LEU A 99 -12.80 4.54 5.59
C LEU A 99 -13.51 3.26 5.97
N ASN A 100 -14.24 2.69 5.01
CA ASN A 100 -14.95 1.46 5.28
C ASN A 100 -14.29 0.35 4.51
N LEU A 101 -14.59 -0.88 4.94
CA LEU A 101 -14.00 -2.10 4.38
C LEU A 101 -14.47 -2.33 2.98
N LYS A 102 -15.68 -1.88 2.72
CA LYS A 102 -16.24 -2.02 1.41
C LYS A 102 -15.68 -1.01 0.41
N GLY A 103 -14.98 0.01 0.88
CA GLY A 103 -14.31 0.89 -0.07
C GLY A 103 -14.55 2.32 0.29
N GLY A 104 -13.64 3.15 -0.18
CA GLY A 104 -13.68 4.57 0.13
C GLY A 104 -12.56 5.30 -0.58
N VAL A 105 -12.50 6.61 -0.36
CA VAL A 105 -11.45 7.45 -0.96
C VAL A 105 -10.55 8.15 0.05
N MET A 106 -9.28 7.75 0.11
CA MET A 106 -8.33 8.36 1.03
C MET A 106 -7.76 9.62 0.44
N THR A 107 -8.21 10.73 0.99
CA THR A 107 -7.73 12.04 0.60
C THR A 107 -6.37 12.31 1.25
N GLY A 108 -6.08 11.54 2.30
CA GLY A 108 -4.84 11.70 3.01
C GLY A 108 -3.86 10.58 2.73
N GLN A 109 -2.94 10.40 3.67
CA GLN A 109 -1.88 9.43 3.53
C GLN A 109 -2.07 8.23 4.46
N LEU A 110 -1.53 7.08 4.05
CA LEU A 110 -1.65 5.87 4.82
C LEU A 110 -0.31 5.29 5.18
N LYS A 111 0.32 5.85 6.20
CA LYS A 111 1.56 5.22 6.63
C LYS A 111 1.28 3.83 7.19
N PHE A 112 2.22 2.91 7.05
CA PHE A 112 2.16 1.61 7.76
C PHE A 112 3.42 1.39 8.58
N LYS A 113 3.22 1.02 9.82
CA LYS A 113 4.31 0.68 10.71
C LYS A 113 3.90 -0.59 11.45
N PRO A 114 4.23 -1.74 10.86
CA PRO A 114 4.01 -3.13 11.27
C PRO A 114 4.67 -3.61 12.59
N ALA A 115 3.89 -4.38 13.38
CA ALA A 115 4.32 -4.98 14.66
C ALA A 115 4.96 -6.38 14.45
N ALA A 116 4.43 -7.15 13.47
CA ALA A 116 4.95 -8.44 12.95
C ALA A 116 4.78 -9.76 13.74
N THR A 117 3.54 -10.10 14.16
CA THR A 117 3.27 -11.52 14.65
C THR A 117 4.33 -12.57 14.29
N VAL A 118 4.44 -12.86 12.99
CA VAL A 118 5.45 -13.78 12.48
C VAL A 118 6.11 -13.11 11.27
N ALA A 119 5.51 -11.98 10.82
CA ALA A 119 5.89 -11.32 9.56
C ALA A 119 5.43 -12.13 8.29
N TYR A 120 4.71 -13.21 8.61
CA TYR A 120 4.07 -14.28 7.75
C TYR A 120 4.81 -14.70 6.51
N SER A 121 5.75 -15.62 6.68
CA SER A 121 6.23 -16.05 5.17
C SER A 121 5.27 -16.39 4.00
N SER A 122 5.81 -16.19 2.80
CA SER A 122 5.24 -16.62 1.51
C SER A 122 3.72 -16.39 1.23
N SER A 123 3.29 -15.13 1.09
CA SER A 123 1.95 -14.84 0.49
C SER A 123 0.68 -15.01 1.41
N THR A 124 0.87 -14.92 2.75
CA THR A 124 -0.30 -14.60 3.65
C THR A 124 0.13 -13.53 4.68
N GLY A 125 1.21 -12.82 4.33
CA GLY A 125 1.74 -11.62 5.02
C GLY A 125 1.88 -10.36 4.15
N GLY A 126 2.92 -9.56 4.43
CA GLY A 126 3.04 -8.19 3.89
C GLY A 126 1.99 -7.24 4.45
N ALA A 127 2.39 -6.07 4.95
CA ALA A 127 1.40 -5.11 5.43
C ALA A 127 0.17 -4.99 4.51
N VAL A 128 0.42 -5.00 3.23
CA VAL A 128 -0.68 -5.04 2.30
C VAL A 128 -0.69 -6.40 1.66
N ASN A 129 -1.77 -7.11 1.89
CA ASN A 129 -1.91 -8.35 1.23
C ASN A 129 -3.05 -8.16 0.27
N ILE A 130 -2.85 -8.57 -0.97
CA ILE A 130 -3.92 -8.44 -1.91
C ILE A 130 -4.08 -9.78 -2.62
N ASP A 131 -5.15 -10.48 -2.32
CA ASP A 131 -5.47 -11.69 -3.04
C ASP A 131 -6.58 -11.47 -4.06
N LEU A 132 -6.26 -11.68 -5.34
CA LEU A 132 -7.22 -11.41 -6.45
C LEU A 132 -7.54 -12.68 -7.21
N SER A 133 -7.62 -13.79 -6.46
CA SER A 133 -7.68 -15.08 -7.12
C SER A 133 -9.09 -15.35 -7.52
N SER A 134 -9.97 -14.43 -7.18
CA SER A 134 -11.37 -14.65 -7.35
C SER A 134 -11.96 -13.39 -7.89
N THR A 135 -11.10 -12.61 -8.52
CA THR A 135 -11.50 -11.33 -9.03
C THR A 135 -10.80 -11.06 -10.36
N ARG A 136 -11.36 -10.19 -11.16
CA ARG A 136 -10.90 -10.14 -12.51
C ARG A 136 -10.11 -8.85 -12.74
N GLY A 137 -9.99 -8.07 -11.66
CA GLY A 137 -9.33 -6.75 -11.70
C GLY A 137 -7.85 -6.65 -11.33
N ALA A 138 -7.35 -5.42 -11.28
CA ALA A 138 -5.96 -5.20 -10.99
C ALA A 138 -5.72 -5.33 -9.52
N GLY A 139 -4.44 -5.50 -9.23
CA GLY A 139 -3.98 -5.57 -7.89
C GLY A 139 -3.76 -4.20 -7.35
N VAL A 140 -2.76 -3.50 -7.90
CA VAL A 140 -2.39 -2.15 -7.45
C VAL A 140 -2.24 -1.17 -8.62
N VAL A 141 -3.27 -0.40 -8.89
CA VAL A 141 -3.16 0.55 -9.99
C VAL A 141 -2.69 1.87 -9.46
N VAL A 142 -1.55 2.28 -9.95
CA VAL A 142 -0.97 3.54 -9.61
C VAL A 142 -0.69 4.31 -10.90
N TYR A 143 -1.31 5.48 -11.14
CA TYR A 143 -1.00 6.29 -12.34
C TYR A 143 -1.06 7.75 -12.00
N SER A 144 -0.58 8.57 -12.93
CA SER A 144 -0.63 10.00 -12.74
C SER A 144 -0.73 10.54 -14.10
N ASP A 145 -1.56 11.56 -14.24
CA ASP A 145 -1.61 12.31 -15.49
C ASP A 145 -1.16 13.76 -15.28
N ASN A 146 -0.41 13.97 -14.19
CA ASN A 146 0.21 15.24 -13.88
C ASN A 146 1.33 15.47 -14.86
N ASP A 147 1.84 16.69 -14.90
CA ASP A 147 2.81 17.01 -15.94
C ASP A 147 4.17 16.82 -15.35
N THR A 148 4.23 17.14 -14.07
CA THR A 148 5.49 17.05 -13.36
C THR A 148 5.17 16.54 -12.00
N SER A 149 6.13 15.88 -11.41
CA SER A 149 5.92 15.35 -10.12
C SER A 149 7.23 15.44 -9.44
N ASP A 150 7.20 15.25 -8.14
CA ASP A 150 8.41 15.39 -7.41
C ASP A 150 8.98 14.05 -7.02
N GLY A 151 8.17 13.01 -7.17
CA GLY A 151 8.52 11.69 -6.78
C GLY A 151 7.89 10.77 -7.80
N PRO A 152 8.23 9.48 -7.75
CA PRO A 152 7.77 8.41 -8.64
C PRO A 152 6.47 7.79 -8.22
N LEU A 153 6.00 6.85 -9.01
CA LEU A 153 4.72 6.28 -8.68
C LEU A 153 4.88 5.21 -7.64
N MET A 154 5.91 4.38 -7.80
CA MET A 154 6.25 3.38 -6.78
C MET A 154 7.74 3.48 -6.59
N SER A 155 8.17 3.47 -5.34
CA SER A 155 9.61 3.40 -5.04
C SER A 155 9.86 2.40 -3.93
N LEU A 156 10.93 1.65 -4.08
CA LEU A 156 11.31 0.71 -3.06
C LEU A 156 12.76 0.96 -2.64
N ARG A 157 13.02 0.94 -1.36
CA ARG A 157 14.37 1.26 -0.93
C ARG A 157 14.74 0.57 0.34
N THR A 158 15.96 0.08 0.37
CA THR A 158 16.43 -0.61 1.53
C THR A 158 17.71 0.07 1.93
N GLY A 159 17.80 0.48 3.19
CA GLY A 159 18.99 1.22 3.59
C GLY A 159 20.21 0.52 4.21
N LYS A 160 20.10 -0.76 4.52
CA LYS A 160 21.19 -1.47 5.19
C LYS A 160 21.83 -2.52 4.30
N GLU A 161 23.18 -2.48 4.22
CA GLU A 161 23.94 -3.34 3.30
C GLU A 161 23.86 -4.84 3.62
N THR A 162 23.19 -5.18 4.69
CA THR A 162 23.08 -6.58 5.07
C THR A 162 21.71 -7.04 4.65
N PHE A 163 20.88 -6.07 4.25
CA PHE A 163 19.53 -6.38 3.99
C PHE A 163 19.50 -7.56 3.10
N ASN A 164 18.60 -8.47 3.38
CA ASN A 164 18.71 -9.70 2.66
C ASN A 164 17.49 -10.17 1.88
N GLN A 165 16.56 -9.28 1.57
CA GLN A 165 15.47 -9.68 0.71
C GLN A 165 15.54 -8.80 -0.51
N SER A 166 14.88 -9.20 -1.59
CA SER A 166 14.74 -8.34 -2.75
C SER A 166 13.87 -7.18 -2.47
N ALA A 167 13.91 -6.20 -3.35
CA ALA A 167 13.02 -5.05 -3.24
C ALA A 167 11.73 -5.41 -3.95
N LEU A 168 11.91 -6.04 -5.11
CA LEU A 168 10.79 -6.57 -5.85
C LEU A 168 11.05 -8.02 -6.22
N PHE A 169 10.17 -8.91 -5.76
CA PHE A 169 10.29 -10.33 -6.18
C PHE A 169 9.13 -10.66 -7.09
N VAL A 170 9.43 -11.28 -8.21
CA VAL A 170 8.37 -11.64 -9.12
C VAL A 170 8.44 -13.09 -9.50
N ASP A 171 7.56 -13.82 -8.81
CA ASP A 171 7.36 -15.26 -9.10
C ASP A 171 6.13 -15.39 -9.98
N TYR A 172 6.35 -15.65 -11.27
CA TYR A 172 5.25 -15.57 -12.21
C TYR A 172 4.90 -16.86 -12.96
N LYS A 173 3.61 -17.08 -13.08
CA LYS A 173 3.12 -18.19 -13.88
C LYS A 173 2.02 -17.60 -14.76
N GLY A 174 2.00 -17.86 -16.06
CA GLY A 174 0.87 -17.36 -16.83
C GLY A 174 1.18 -17.48 -18.31
N THR A 175 0.42 -16.82 -19.18
CA THR A 175 0.59 -17.04 -20.61
C THR A 175 1.13 -15.84 -21.37
N THR A 176 1.21 -14.72 -20.66
CA THR A 176 1.76 -13.48 -21.15
C THR A 176 3.02 -13.18 -20.35
N ASN A 177 3.68 -12.06 -20.69
CA ASN A 177 4.94 -11.56 -20.07
C ASN A 177 4.80 -11.37 -18.60
N ALA A 178 5.84 -11.73 -17.84
CA ALA A 178 5.75 -11.62 -16.36
C ALA A 178 5.75 -10.18 -15.99
N VAL A 179 6.69 -9.46 -16.59
CA VAL A 179 6.85 -8.02 -16.42
C VAL A 179 6.94 -7.38 -17.78
N ASN A 180 6.14 -6.32 -17.96
CA ASN A 180 6.14 -5.55 -19.21
C ASN A 180 6.23 -4.05 -18.98
N ILE A 181 7.25 -3.47 -19.60
CA ILE A 181 7.49 -2.05 -19.55
C ILE A 181 7.39 -1.59 -20.97
N ALA A 182 6.45 -0.71 -21.21
CA ALA A 182 6.40 -0.17 -22.53
C ALA A 182 6.49 1.33 -22.56
N MET A 183 7.42 1.87 -23.33
CA MET A 183 7.50 3.31 -23.58
C MET A 183 7.00 3.69 -24.96
N ARG A 184 6.21 4.74 -25.01
CA ARG A 184 5.52 5.10 -26.23
C ARG A 184 6.18 6.26 -26.89
N GLN A 185 6.31 6.19 -28.22
CA GLN A 185 7.02 7.25 -28.96
C GLN A 185 6.52 8.61 -28.46
N PRO A 186 7.41 9.34 -27.79
CA PRO A 186 7.02 10.65 -27.31
C PRO A 186 6.96 11.66 -28.45
N THR A 187 6.16 12.73 -28.19
CA THR A 187 6.09 13.96 -29.03
C THR A 187 7.31 14.83 -28.71
N THR A 188 7.94 14.48 -27.57
CA THR A 188 8.93 15.30 -26.84
C THR A 188 10.29 14.63 -26.49
N PRO A 189 10.69 13.49 -27.16
CA PRO A 189 11.51 12.38 -26.55
C PRO A 189 12.51 12.79 -25.45
N ASN A 190 12.89 11.76 -24.71
CA ASN A 190 13.83 11.96 -23.67
C ASN A 190 15.04 11.11 -23.95
N PHE A 191 16.02 11.33 -23.08
CA PHE A 191 17.37 10.80 -23.25
C PHE A 191 17.59 9.64 -22.27
N SER A 192 16.54 9.37 -21.50
CA SER A 192 16.55 8.27 -20.57
C SER A 192 15.96 7.02 -21.23
N SER A 193 15.96 5.95 -20.47
CA SER A 193 15.61 4.64 -20.96
C SER A 193 14.35 4.10 -20.34
N ALA A 194 13.94 2.95 -20.83
CA ALA A 194 12.73 2.41 -20.32
C ALA A 194 13.09 1.77 -19.02
N LEU A 195 14.17 1.00 -19.08
CA LEU A 195 14.65 0.32 -17.90
C LEU A 195 16.06 0.74 -17.77
N ASN A 196 16.42 1.42 -16.67
CA ASN A 196 17.83 1.80 -16.44
C ASN A 196 18.33 1.05 -15.21
N ILE A 197 19.47 0.39 -15.35
CA ILE A 197 20.10 -0.30 -14.21
C ILE A 197 21.49 0.24 -13.88
N THR A 198 21.74 0.47 -12.61
CA THR A 198 23.07 0.95 -12.22
C THR A 198 23.57 0.23 -10.99
N SER A 199 24.70 -0.45 -11.11
CA SER A 199 25.20 -1.24 -9.99
C SER A 199 26.58 -0.81 -9.61
N GLY A 200 26.83 -0.65 -8.33
CA GLY A 200 28.13 -0.20 -7.88
C GLY A 200 28.93 -1.39 -7.44
N ASN A 201 28.24 -2.50 -7.27
CA ASN A 201 28.73 -3.76 -6.69
C ASN A 201 29.70 -4.46 -7.62
N GLU A 202 30.98 -4.45 -7.29
CA GLU A 202 32.04 -5.05 -8.14
C GLU A 202 32.10 -6.55 -8.02
N ASN A 203 31.17 -7.08 -7.24
CA ASN A 203 31.18 -8.47 -6.93
C ASN A 203 29.96 -9.19 -7.48
N GLY A 204 29.18 -8.52 -8.34
CA GLY A 204 27.95 -9.09 -8.87
C GLY A 204 27.45 -8.33 -10.08
N SER A 205 27.23 -9.07 -11.17
CA SER A 205 26.69 -8.55 -12.42
C SER A 205 25.51 -7.66 -12.18
N ALA A 206 25.47 -6.55 -12.88
CA ALA A 206 24.45 -5.57 -12.62
C ALA A 206 23.15 -6.23 -12.93
N MET A 207 23.10 -6.94 -14.05
CA MET A 207 21.89 -7.69 -14.44
C MET A 207 22.29 -9.06 -14.85
N GLN A 208 21.70 -10.07 -14.24
CA GLN A 208 21.94 -11.46 -14.60
C GLN A 208 20.65 -12.06 -15.16
N LEU A 209 20.80 -12.93 -16.14
CA LEU A 209 19.62 -13.34 -16.90
C LEU A 209 19.77 -14.80 -17.37
N ARG A 210 18.88 -15.71 -16.95
CA ARG A 210 18.99 -17.13 -17.41
C ARG A 210 17.68 -17.66 -17.99
N GLY A 211 17.77 -18.40 -19.07
CA GLY A 211 16.58 -19.01 -19.64
C GLY A 211 16.93 -20.26 -20.41
N SER A 212 15.89 -21.03 -20.75
CA SER A 212 16.07 -22.33 -21.40
C SER A 212 15.26 -22.49 -22.70
N GLU A 213 15.48 -21.54 -23.59
CA GLU A 213 14.83 -21.45 -24.87
C GLU A 213 15.16 -22.68 -25.74
N LYS A 214 14.15 -23.23 -26.39
CA LYS A 214 14.34 -24.35 -27.27
C LYS A 214 14.83 -23.68 -28.51
N ALA A 215 14.05 -22.72 -29.02
CA ALA A 215 14.34 -22.22 -30.39
C ALA A 215 14.59 -20.72 -30.49
N LEU A 216 14.92 -20.09 -29.34
CA LEU A 216 14.92 -18.63 -29.15
C LEU A 216 16.09 -18.15 -28.35
N GLY A 217 16.40 -16.86 -28.38
CA GLY A 217 17.55 -16.41 -27.61
C GLY A 217 17.17 -16.13 -26.18
N THR A 218 18.09 -16.24 -25.22
CA THR A 218 17.69 -15.97 -23.84
C THR A 218 17.30 -14.51 -23.71
N LEU A 219 18.05 -13.65 -24.39
CA LEU A 219 17.80 -12.23 -24.41
C LEU A 219 17.60 -11.96 -25.84
N LYS A 220 16.45 -11.40 -26.19
CA LYS A 220 16.17 -11.09 -27.60
C LYS A 220 16.12 -9.56 -27.82
N ILE A 221 16.87 -9.06 -28.79
CA ILE A 221 16.81 -7.63 -29.07
C ILE A 221 16.48 -7.37 -30.50
N THR A 222 15.61 -6.41 -30.68
CA THR A 222 15.20 -6.01 -32.02
C THR A 222 15.34 -4.48 -32.09
N HIS A 223 16.08 -3.96 -33.07
CA HIS A 223 16.05 -2.50 -33.26
C HIS A 223 15.18 -2.12 -34.46
N GLU A 224 14.07 -1.44 -34.20
CA GLU A 224 13.24 -0.91 -35.28
C GLU A 224 13.81 0.47 -35.69
N ASN A 225 14.03 0.74 -36.98
CA ASN A 225 14.37 2.10 -37.41
C ASN A 225 13.17 3.00 -37.13
N PRO A 226 13.36 4.13 -36.40
CA PRO A 226 12.24 5.03 -36.01
C PRO A 226 11.64 5.84 -37.16
N SER A 227 12.37 5.93 -38.26
CA SER A 227 11.85 6.62 -39.41
C SER A 227 11.75 5.64 -40.59
N ILE A 228 11.25 6.15 -41.71
CA ILE A 228 11.21 5.37 -42.93
C ILE A 228 12.47 5.58 -43.76
N GLY A 229 13.35 6.47 -43.31
CA GLY A 229 14.63 6.68 -44.01
C GLY A 229 15.56 5.48 -43.85
N ALA A 230 15.70 4.65 -44.88
CA ALA A 230 16.53 3.47 -44.73
C ALA A 230 17.91 3.85 -44.19
N ASP A 231 18.38 5.03 -44.56
CA ASP A 231 19.69 5.49 -44.20
C ASP A 231 19.61 6.32 -42.90
N TYR A 232 18.42 6.46 -42.33
CA TYR A 232 18.21 7.29 -41.11
C TYR A 232 19.14 7.03 -39.94
N ASP A 233 19.03 5.83 -39.40
CA ASP A 233 19.66 5.35 -38.15
C ASP A 233 21.09 4.81 -38.29
N LYS A 234 21.85 5.36 -39.25
CA LYS A 234 23.20 4.85 -39.55
C LYS A 234 23.94 4.44 -38.29
N ASN A 235 23.54 5.03 -37.15
CA ASN A 235 24.34 4.95 -35.90
C ASN A 235 23.75 4.18 -34.75
N ALA A 236 22.49 3.78 -34.86
CA ALA A 236 21.95 2.87 -33.86
C ALA A 236 22.60 1.46 -33.94
N ALA A 237 22.45 0.71 -32.86
CA ALA A 237 22.96 -0.63 -32.87
C ALA A 237 21.95 -1.38 -32.11
N ALA A 238 22.00 -2.71 -32.26
CA ALA A 238 21.11 -3.55 -31.48
C ALA A 238 21.58 -3.53 -30.01
N LEU A 239 22.91 -3.66 -29.84
CA LEU A 239 23.56 -3.66 -28.54
C LEU A 239 24.81 -2.81 -28.62
N SER A 240 24.94 -1.87 -27.70
CA SER A 240 26.18 -1.05 -27.64
C SER A 240 26.90 -1.27 -26.32
N ILE A 241 28.16 -1.53 -26.43
CA ILE A 241 28.99 -1.68 -25.26
C ILE A 241 30.09 -0.62 -25.15
N ASP A 242 30.23 -0.11 -23.95
CA ASP A 242 31.38 0.70 -23.69
C ASP A 242 32.08 0.16 -22.49
N ILE A 243 33.31 -0.26 -22.68
CA ILE A 243 34.19 -0.56 -21.54
C ILE A 243 34.89 0.74 -21.17
N VAL A 244 34.84 1.15 -19.90
CA VAL A 244 35.38 2.48 -19.48
C VAL A 244 36.09 2.52 -18.08
N LYS A 245 36.71 3.65 -17.71
CA LYS A 245 37.52 3.71 -16.45
C LYS A 245 36.82 4.36 -15.25
N LYS A 246 37.40 4.27 -14.06
CA LYS A 246 36.77 4.88 -12.89
C LYS A 246 37.11 6.36 -12.91
N THR A 247 36.13 7.21 -12.60
CA THR A 247 36.39 8.63 -12.78
C THR A 247 37.63 8.88 -11.92
N ASN A 248 38.70 9.32 -12.56
CA ASN A 248 40.02 9.37 -11.91
C ASN A 248 40.75 8.01 -11.96
N GLY A 249 40.97 7.45 -13.13
CA GLY A 249 41.50 6.08 -13.20
C GLY A 249 42.67 5.89 -14.14
N ALA A 250 43.48 4.89 -13.85
CA ALA A 250 44.62 4.55 -14.68
C ALA A 250 44.16 4.07 -16.07
N GLY A 251 43.20 3.12 -16.06
CA GLY A 251 42.52 2.57 -17.23
C GLY A 251 41.63 1.44 -16.80
N THR A 252 41.40 0.52 -17.72
CA THR A 252 40.61 -0.65 -17.45
C THR A 252 41.10 -1.70 -18.38
N ALA A 253 40.89 -2.96 -18.01
CA ALA A 253 41.39 -4.04 -18.85
C ALA A 253 40.26 -5.02 -19.06
N ALA A 254 39.16 -4.70 -18.39
CA ALA A 254 37.89 -5.40 -18.60
C ALA A 254 37.63 -5.52 -20.05
N GLN A 255 37.22 -6.77 -20.42
CA GLN A 255 36.91 -7.28 -21.78
C GLN A 255 35.58 -6.67 -22.34
N GLY A 256 35.30 -6.85 -23.63
CA GLY A 256 34.13 -6.34 -24.29
C GLY A 256 33.03 -7.35 -24.14
N ILE A 257 32.87 -8.19 -25.15
CA ILE A 257 31.97 -9.35 -25.06
C ILE A 257 32.71 -10.64 -24.76
N TYR A 258 32.25 -11.37 -23.78
CA TYR A 258 32.91 -12.61 -23.42
C TYR A 258 31.93 -13.79 -23.46
N ILE A 259 32.15 -14.71 -24.41
CA ILE A 259 31.18 -15.76 -24.62
C ILE A 259 31.83 -17.03 -24.10
N ASN A 260 31.06 -18.03 -23.69
CA ASN A 260 31.65 -19.32 -23.31
C ASN A 260 30.64 -20.41 -23.17
N SER A 261 31.05 -21.63 -23.42
CA SER A 261 30.21 -22.74 -23.06
C SER A 261 31.03 -23.45 -22.05
N THR A 262 30.68 -23.24 -20.78
CA THR A 262 31.42 -23.94 -19.68
C THR A 262 31.16 -25.43 -19.82
N SER A 263 29.96 -25.73 -20.29
CA SER A 263 29.48 -27.06 -20.39
C SER A 263 29.94 -27.62 -21.71
N GLY A 264 30.08 -26.77 -22.72
CA GLY A 264 30.51 -27.19 -24.07
C GLY A 264 29.34 -27.30 -25.03
N THR A 265 29.51 -26.88 -26.29
CA THR A 265 28.40 -26.79 -27.24
C THR A 265 28.75 -26.90 -28.70
N THR A 266 27.88 -27.57 -29.41
CA THR A 266 28.10 -27.89 -30.80
C THR A 266 27.68 -26.74 -31.68
N GLY A 267 26.85 -25.83 -31.10
CA GLY A 267 26.35 -24.63 -31.78
C GLY A 267 27.40 -23.68 -32.36
N LYS A 268 27.00 -22.80 -33.29
CA LYS A 268 27.90 -21.68 -33.63
C LYS A 268 27.92 -20.77 -32.43
N LEU A 269 29.14 -20.44 -31.99
CA LEU A 269 29.36 -19.58 -30.85
C LEU A 269 29.05 -18.17 -31.20
N LEU A 270 29.47 -17.74 -32.39
CA LEU A 270 29.05 -16.44 -32.89
C LEU A 270 28.53 -16.63 -34.28
N ARG A 271 27.24 -16.35 -34.47
CA ARG A 271 26.64 -16.44 -35.81
C ARG A 271 25.96 -15.14 -36.18
N ILE A 272 26.37 -14.62 -37.33
CA ILE A 272 25.94 -13.29 -37.80
C ILE A 272 25.27 -13.51 -39.15
N ARG A 273 24.02 -13.10 -39.29
CA ARG A 273 23.32 -13.26 -40.59
C ARG A 273 22.72 -11.95 -41.07
N ASN A 274 22.38 -11.89 -42.33
CA ASN A 274 21.74 -10.69 -42.85
C ASN A 274 20.71 -11.17 -43.82
N LEU A 275 19.51 -10.60 -43.77
CA LEU A 275 18.42 -11.18 -44.59
C LEU A 275 18.32 -12.71 -44.40
N SER A 276 18.27 -13.07 -43.13
CA SER A 276 18.13 -14.42 -42.69
C SER A 276 18.98 -15.39 -43.51
N ASP A 277 20.26 -15.08 -43.69
CA ASP A 277 21.23 -15.96 -44.35
C ASP A 277 22.66 -15.73 -43.81
N ASP A 278 23.34 -16.79 -43.32
CA ASP A 278 24.71 -16.63 -42.78
C ASP A 278 25.71 -15.84 -43.63
N LYS A 279 26.36 -14.84 -43.02
CA LYS A 279 27.38 -13.98 -43.64
C LYS A 279 28.79 -14.03 -42.98
N PHE A 280 28.84 -14.33 -41.66
CA PHE A 280 30.10 -14.55 -40.95
C PHE A 280 29.66 -15.35 -39.76
N TYR A 281 30.52 -16.21 -39.23
CA TYR A 281 30.19 -16.93 -37.99
C TYR A 281 31.45 -17.51 -37.49
N VAL A 282 31.40 -17.89 -36.22
CA VAL A 282 32.50 -18.59 -35.61
C VAL A 282 31.99 -19.98 -35.22
N LYS A 283 32.54 -21.00 -35.89
CA LYS A 283 32.27 -22.40 -35.60
C LYS A 283 32.65 -22.73 -34.13
N SER A 284 31.94 -23.67 -33.49
CA SER A 284 32.17 -24.00 -32.05
C SER A 284 33.60 -24.40 -31.75
N ASP A 285 34.35 -24.74 -32.78
CA ASP A 285 35.71 -25.17 -32.62
C ASP A 285 36.60 -23.95 -32.84
N GLY A 286 35.96 -22.83 -33.09
CA GLY A 286 36.64 -21.55 -33.31
C GLY A 286 37.15 -21.28 -34.73
N GLY A 287 36.63 -21.99 -35.73
CA GLY A 287 36.94 -21.65 -37.13
C GLY A 287 35.92 -20.59 -37.46
N PHE A 288 36.27 -19.71 -38.38
CA PHE A 288 35.35 -18.64 -38.71
C PHE A 288 35.08 -18.73 -40.21
N TYR A 289 34.01 -18.06 -40.64
CA TYR A 289 33.62 -18.09 -42.06
C TYR A 289 33.15 -16.72 -42.44
N ALA A 290 33.47 -16.31 -43.65
CA ALA A 290 32.90 -15.06 -44.15
C ALA A 290 32.45 -15.10 -45.65
N LYS A 291 31.22 -14.67 -45.94
CA LYS A 291 30.66 -14.74 -47.34
C LYS A 291 31.41 -13.86 -48.38
N GLU A 292 32.08 -12.83 -47.86
CA GLU A 292 32.63 -11.76 -48.70
C GLU A 292 34.09 -11.46 -48.43
N THR A 293 34.76 -11.04 -49.48
CA THR A 293 36.15 -10.69 -49.41
C THR A 293 36.45 -9.83 -48.20
N SER A 294 37.53 -10.20 -47.53
CA SER A 294 37.94 -9.49 -46.31
C SER A 294 39.27 -8.74 -46.37
N GLN A 295 39.62 -8.05 -45.28
CA GLN A 295 40.92 -7.41 -45.25
C GLN A 295 41.57 -7.34 -43.87
N ILE A 296 42.87 -7.54 -43.85
CA ILE A 296 43.61 -7.31 -42.64
C ILE A 296 44.68 -6.26 -42.87
N ASP A 297 44.51 -5.09 -42.28
CA ASP A 297 45.60 -4.13 -42.29
C ASP A 297 46.59 -4.88 -41.42
N GLY A 298 47.57 -5.57 -41.98
CA GLY A 298 48.49 -6.33 -41.18
C GLY A 298 48.84 -7.63 -41.80
N ASN A 299 49.27 -8.56 -40.95
CA ASN A 299 49.81 -9.85 -41.40
C ASN A 299 48.97 -11.00 -40.91
N LEU A 300 49.08 -12.15 -41.56
CA LEU A 300 48.36 -13.33 -41.13
C LEU A 300 49.29 -14.50 -40.80
N LYS A 301 49.44 -14.76 -39.51
CA LYS A 301 50.19 -15.94 -39.07
C LYS A 301 49.25 -17.11 -39.31
N LEU A 302 49.73 -18.09 -40.07
CA LEU A 302 48.95 -19.29 -40.32
C LEU A 302 49.77 -20.50 -40.73
N LYS A 303 49.10 -21.66 -40.73
CA LYS A 303 49.73 -22.95 -40.96
C LYS A 303 49.99 -23.14 -42.46
N ASP A 304 51.15 -23.65 -42.83
CA ASP A 304 51.32 -24.03 -44.24
C ASP A 304 50.08 -24.67 -44.93
N PRO A 305 49.94 -24.46 -46.24
CA PRO A 305 48.93 -24.97 -47.14
C PRO A 305 48.93 -26.47 -47.16
N THR A 306 47.81 -27.06 -47.59
CA THR A 306 47.81 -28.47 -47.88
C THR A 306 46.88 -28.62 -49.07
N ALA A 307 45.66 -28.12 -48.94
CA ALA A 307 44.73 -28.05 -50.04
C ALA A 307 45.17 -27.03 -51.05
N ASN A 308 44.53 -27.00 -52.23
CA ASN A 308 44.79 -25.98 -53.25
C ASN A 308 44.19 -24.65 -52.97
N ASP A 309 43.13 -24.63 -52.17
CA ASP A 309 42.46 -23.37 -51.95
C ASP A 309 42.82 -22.85 -50.57
N HIS A 310 43.94 -23.35 -50.07
CA HIS A 310 44.48 -22.84 -48.83
C HIS A 310 45.40 -21.70 -49.16
N ALA A 311 45.48 -20.71 -48.27
CA ALA A 311 46.45 -19.62 -48.46
C ALA A 311 47.89 -20.12 -48.38
N ALA A 312 48.72 -19.50 -49.20
CA ALA A 312 50.15 -19.75 -49.14
C ALA A 312 50.77 -19.00 -47.98
N THR A 313 51.94 -19.47 -47.59
CA THR A 313 52.69 -18.89 -46.47
C THR A 313 54.05 -18.55 -47.03
N LYS A 314 54.69 -17.52 -46.49
CA LYS A 314 56.00 -17.17 -46.97
C LYS A 314 56.80 -18.45 -47.11
N ALA A 315 56.75 -19.29 -46.09
CA ALA A 315 57.57 -20.48 -46.10
C ALA A 315 57.26 -21.32 -47.36
N TYR A 316 56.00 -21.77 -47.49
CA TYR A 316 55.58 -22.59 -48.62
C TYR A 316 56.09 -22.05 -49.94
N VAL A 317 55.78 -20.78 -50.18
CA VAL A 317 56.27 -20.09 -51.38
C VAL A 317 57.77 -20.23 -51.50
N ASP A 318 58.50 -19.65 -50.56
CA ASP A 318 59.97 -19.74 -50.59
C ASP A 318 60.41 -21.14 -50.90
N LYS A 319 59.91 -22.10 -50.16
CA LYS A 319 60.34 -23.46 -50.42
C LYS A 319 59.97 -23.92 -51.84
N ALA A 320 58.75 -23.69 -52.29
CA ALA A 320 58.48 -23.98 -53.71
C ALA A 320 59.57 -23.36 -54.61
N ILE A 321 59.90 -22.09 -54.38
CA ILE A 321 60.94 -21.41 -55.16
C ILE A 321 62.29 -22.08 -54.98
N SER A 322 62.75 -22.14 -53.73
CA SER A 322 64.04 -22.72 -53.39
C SER A 322 64.28 -24.05 -54.13
N GLU A 323 63.21 -24.84 -54.24
CA GLU A 323 63.19 -26.06 -55.02
C GLU A 323 63.42 -25.82 -56.49
N LEU A 324 62.61 -24.95 -57.09
CA LEU A 324 62.74 -24.75 -58.53
C LEU A 324 64.16 -24.26 -58.94
N LYS A 325 64.61 -23.16 -58.34
CA LYS A 325 65.96 -22.68 -58.53
C LYS A 325 66.93 -23.87 -58.51
N LYS A 326 66.99 -24.57 -57.37
CA LYS A 326 67.88 -25.73 -57.24
C LYS A 326 67.58 -26.78 -58.29
N LEU A 327 66.34 -27.34 -58.36
CA LEU A 327 65.98 -28.42 -59.38
C LEU A 327 66.30 -28.01 -60.80
N ILE A 328 66.15 -26.73 -61.14
CA ILE A 328 66.52 -26.24 -62.47
C ILE A 328 67.95 -26.61 -62.90
N LEU A 329 68.92 -26.50 -61.93
CA LEU A 329 70.36 -26.60 -62.17
C LEU A 329 70.91 -27.87 -62.76
N LYS A 330 70.21 -28.23 -63.82
CA LYS A 330 70.68 -29.07 -64.90
C LYS A 330 71.21 -27.81 -65.60
N LYS A 331 72.47 -27.59 -65.35
CA LYS A 331 73.26 -26.39 -65.56
C LYS A 331 74.31 -26.84 -64.59
N HIS A 332 74.67 -28.09 -64.82
CA HIS A 332 75.25 -28.83 -63.46
C HIS A 332 76.60 -28.22 -62.94
C1 ASC B . 0.58 10.55 -25.54
C2 ASC B . -0.05 11.81 -25.72
C3 ASC B . -1.35 11.60 -25.56
C4 ASC B . -1.65 10.15 -25.20
C5 ASC B . -2.25 9.29 -26.31
C6 ASC B . -2.23 7.84 -25.80
O1 ASC B . 1.72 10.29 -25.91
O2 ASC B . 0.61 12.94 -26.01
O3 ASC B . -2.29 12.54 -25.68
O4 ASC B . -0.34 9.58 -24.91
O5 ASC B . -1.43 9.44 -27.49
O6 ASC B . -2.08 6.79 -27.09
C1 ASC C . 6.70 -7.83 -28.76
C2 ASC C . 6.25 -6.47 -29.04
C3 ASC C . 5.48 -6.11 -28.03
C4 ASC C . 5.49 -7.17 -26.95
C5 ASC C . 4.06 -7.62 -26.68
C6 ASC C . 4.05 -8.82 -25.76
O1 ASC C . 7.35 -8.56 -29.50
O2 ASC C . 6.54 -5.73 -30.11
O3 ASC C . 4.77 -4.97 -27.94
O4 ASC C . 6.27 -8.28 -27.45
O5 ASC C . 3.45 -7.99 -27.94
O6 ASC C . 2.95 -9.21 -24.77
C1 ASC D . 17.38 -18.59 -34.58
C2 ASC D . 16.95 -17.83 -33.43
C3 ASC D . 15.84 -17.19 -33.76
C4 ASC D . 15.50 -17.39 -35.21
C5 ASC D . 15.53 -16.08 -36.00
C6 ASC D . 14.95 -16.25 -37.43
O1 ASC D . 18.36 -19.35 -34.61
O2 ASC D . 17.58 -17.82 -32.29
O3 ASC D . 15.10 -16.45 -32.93
O4 ASC D . 16.50 -18.30 -35.70
O5 ASC D . 16.88 -15.56 -36.11
O6 ASC D . 15.48 -15.00 -38.17
#